data_7AJX
#
_entry.id   7AJX
#
_cell.length_a   57.877
_cell.length_b   101.224
_cell.length_c   115.285
_cell.angle_alpha   90.000
_cell.angle_beta   90.000
_cell.angle_gamma   90.000
#
_symmetry.space_group_name_H-M   'P 21 21 21'
#
loop_
_entity.id
_entity.type
_entity.pdbx_description
1 polymer 'L,D-transpeptidase YcbB'
2 non-polymer '(2S,3R,4S)-4-{[(3S,5R)-5-(dimethylcarbamoyl)pyrrolidin-3-yl]sulfanyl}-2-[(2S,3R)-3-hydroxy-1-oxobutan-2-yl]-3-methyl-3,4-dihydro-2H-pyrrole-5-carboxylic acid'
3 non-polymer 1,2-ETHANEDIOL
4 water water
#
_entity_poly.entity_id   1
_entity_poly.type   'polypeptide(L)'
_entity_poly.pdbx_seq_one_letter_code
;AA(MSE)VTQRFVELGWIDSTSPVNEQITNPALVEQIYHSNNDQLLWSDLATANHFEAQLEVIHRASFSPLFSRQLFALK
SYRQQDRWHEYDVLATDTLLQYLSYAEQAPKVGIAWFFEGQLDQPLAPPSEEAQLALH(MSE)AIGNQSLARL(MSE)DE
YTPQDPAYQQLLQAYQSLSSIEFNEVALYEQ(MSE)ERLKRPGDPLSHREALVQRLALVNLDTTSILNDVAYYDASLEKP
IKQFQK(MSE)HGLQTDGVIGPQT(MSE)KWLNTSVTERLALLALNAERIRLWPTQQDS(MSE)IVVNVPGFD(MSE)KY
WDAGREVFESKVVVGKTTRPTPV(MSE)NTKLDSLIINPTWNVPHKI(MSE)VEDILP(MSE)VKRDSEYLANHH(MSE)
EIIRGWSDPEVIDPALIDWEAVEPETFPYRLRQQAGVQNALGTYKFNTPNSRAIYLHDTPSKHLFNNASRAFSSGCIRVE
NAEKFAQTLLANQGITLDDFPVSTQAIALKKRIPVHIIYQTVWYEEGVLHYRDDIYHYDALALGNGDASPNLTKIENLYF
QGSSSHHHHHH
;
_entity_poly.pdbx_strand_id   A
#
# COMPACT_ATOMS: atom_id res chain seq x y z
N ARG A 7 19.05 -25.39 -29.89
CA ARG A 7 18.13 -26.51 -30.26
C ARG A 7 16.70 -26.00 -30.48
N PHE A 8 16.11 -25.27 -29.51
CA PHE A 8 14.63 -25.14 -29.37
C PHE A 8 14.04 -24.00 -30.22
N VAL A 9 14.65 -22.82 -30.31
CA VAL A 9 14.05 -21.66 -31.04
C VAL A 9 14.35 -21.80 -32.54
N GLU A 10 13.32 -22.13 -33.33
CA GLU A 10 13.43 -22.30 -34.80
C GLU A 10 13.46 -20.90 -35.45
N LEU A 11 14.63 -20.27 -35.43
CA LEU A 11 14.93 -18.99 -36.13
C LEU A 11 16.23 -19.14 -36.93
N GLY A 12 16.20 -18.67 -38.18
CA GLY A 12 17.29 -18.79 -39.17
C GLY A 12 18.55 -18.10 -38.68
N TRP A 13 18.41 -16.89 -38.11
CA TRP A 13 19.52 -15.94 -37.86
C TRP A 13 19.94 -15.98 -36.37
N ILE A 14 19.44 -16.95 -35.61
CA ILE A 14 19.94 -17.29 -34.24
C ILE A 14 20.52 -18.71 -34.29
N ASP A 15 21.74 -18.86 -33.79
CA ASP A 15 22.48 -20.14 -33.78
C ASP A 15 21.97 -21.01 -32.62
N SER A 16 22.20 -22.32 -32.72
CA SER A 16 21.62 -23.40 -31.90
C SER A 16 22.13 -23.36 -30.45
N THR A 17 23.38 -22.91 -30.24
CA THR A 17 24.07 -22.98 -28.92
C THR A 17 24.00 -21.60 -28.22
N SER A 18 23.27 -20.65 -28.79
CA SER A 18 22.94 -19.35 -28.16
C SER A 18 22.18 -19.59 -26.87
N PRO A 19 22.51 -18.92 -25.75
CA PRO A 19 21.77 -19.12 -24.50
C PRO A 19 20.30 -18.68 -24.61
N VAL A 20 19.98 -17.79 -25.57
CA VAL A 20 18.57 -17.31 -25.81
C VAL A 20 17.63 -18.51 -25.91
N ASN A 21 18.12 -19.66 -26.41
CA ASN A 21 17.33 -20.91 -26.64
C ASN A 21 16.77 -21.44 -25.31
N GLU A 22 17.48 -21.20 -24.20
CA GLU A 22 17.06 -21.59 -22.81
C GLU A 22 16.38 -20.41 -22.11
N GLN A 23 16.81 -19.17 -22.42
CA GLN A 23 16.38 -17.91 -21.75
C GLN A 23 14.96 -17.51 -22.17
N ILE A 24 14.44 -18.09 -23.26
CA ILE A 24 13.18 -17.64 -23.91
C ILE A 24 12.03 -18.48 -23.35
N THR A 25 10.87 -17.85 -23.13
CA THR A 25 9.70 -18.43 -22.40
C THR A 25 8.71 -19.09 -23.37
N ASN A 26 8.47 -18.49 -24.54
CA ASN A 26 7.39 -18.90 -25.48
C ASN A 26 7.96 -18.95 -26.89
N PRO A 27 8.97 -19.82 -27.16
CA PRO A 27 9.63 -19.85 -28.47
C PRO A 27 8.62 -19.77 -29.63
N ALA A 28 7.52 -20.52 -29.50
CA ALA A 28 6.44 -20.65 -30.50
C ALA A 28 5.98 -19.26 -30.94
N LEU A 29 5.62 -18.42 -29.97
CA LEU A 29 4.91 -17.13 -30.22
C LEU A 29 5.91 -16.11 -30.78
N VAL A 30 7.17 -16.21 -30.34
CA VAL A 30 8.28 -15.36 -30.81
C VAL A 30 8.51 -15.65 -32.29
N GLU A 31 8.68 -16.95 -32.63
CA GLU A 31 8.78 -17.51 -34.00
C GLU A 31 7.68 -16.88 -34.87
N GLN A 32 6.42 -16.99 -34.46
CA GLN A 32 5.26 -16.49 -35.24
C GLN A 32 5.43 -15.00 -35.55
N ILE A 33 5.66 -14.18 -34.51
CA ILE A 33 5.82 -12.70 -34.61
C ILE A 33 6.93 -12.35 -35.62
N TYR A 34 8.08 -13.01 -35.51
CA TYR A 34 9.27 -12.74 -36.36
C TYR A 34 8.97 -13.12 -37.81
N HIS A 35 8.30 -14.26 -38.03
CA HIS A 35 7.86 -14.71 -39.37
C HIS A 35 6.90 -13.66 -39.93
N SER A 36 5.86 -13.28 -39.18
CA SER A 36 4.86 -12.24 -39.59
C SER A 36 5.52 -10.91 -39.96
N ASN A 37 6.78 -10.69 -39.60
CA ASN A 37 7.51 -9.40 -39.82
C ASN A 37 8.72 -9.66 -40.73
N ASN A 38 8.78 -10.82 -41.38
CA ASN A 38 9.82 -11.18 -42.38
C ASN A 38 11.20 -11.15 -41.70
N ASP A 39 11.29 -11.75 -40.51
CA ASP A 39 12.56 -12.05 -39.80
C ASP A 39 13.32 -10.73 -39.59
N GLN A 40 12.58 -9.62 -39.40
CA GLN A 40 13.17 -8.27 -39.19
C GLN A 40 13.33 -8.00 -37.69
N LEU A 41 14.28 -7.14 -37.32
CA LEU A 41 14.56 -6.73 -35.92
C LEU A 41 13.50 -5.72 -35.49
N LEU A 42 12.91 -5.93 -34.30
CA LEU A 42 11.87 -5.03 -33.73
C LEU A 42 12.54 -3.94 -32.89
N TRP A 43 13.81 -4.11 -32.48
CA TRP A 43 14.43 -3.32 -31.38
C TRP A 43 15.68 -2.54 -31.83
N SER A 44 15.91 -2.36 -33.12
CA SER A 44 17.13 -1.66 -33.63
C SER A 44 17.03 -0.16 -33.31
N ASP A 45 15.83 0.39 -33.06
CA ASP A 45 15.70 1.80 -32.63
C ASP A 45 16.07 1.92 -31.15
N LEU A 46 17.13 2.66 -30.86
CA LEU A 46 17.73 2.82 -29.51
C LEU A 46 16.68 3.30 -28.51
N ALA A 47 16.06 4.46 -28.78
CA ALA A 47 15.03 5.13 -27.93
C ALA A 47 14.03 4.09 -27.43
N THR A 48 13.65 3.13 -28.28
CA THR A 48 12.67 2.05 -27.99
C THR A 48 13.24 1.02 -27.01
N ALA A 49 14.44 0.48 -27.28
CA ALA A 49 15.16 -0.47 -26.38
C ALA A 49 15.36 0.17 -25.01
N ASN A 50 15.85 1.42 -25.00
CA ASN A 50 16.12 2.22 -23.78
C ASN A 50 14.82 2.38 -22.98
N HIS A 51 13.71 2.69 -23.66
CA HIS A 51 12.41 2.89 -22.99
C HIS A 51 12.02 1.59 -22.30
N PHE A 52 12.27 0.45 -22.93
CA PHE A 52 11.89 -0.90 -22.42
C PHE A 52 12.88 -1.33 -21.33
N GLU A 53 14.16 -0.97 -21.44
CA GLU A 53 15.17 -1.27 -20.40
C GLU A 53 14.81 -0.48 -19.14
N ALA A 54 14.45 0.79 -19.32
CA ALA A 54 13.93 1.69 -18.27
C ALA A 54 12.73 1.06 -17.56
N GLN A 55 11.80 0.48 -18.32
CA GLN A 55 10.55 -0.09 -17.73
C GLN A 55 10.92 -1.34 -16.94
N LEU A 56 12.00 -2.03 -17.31
CA LEU A 56 12.43 -3.27 -16.62
C LEU A 56 13.31 -2.92 -15.41
N GLU A 57 14.09 -1.83 -15.49
CA GLU A 57 14.80 -1.29 -14.29
C GLU A 57 13.74 -1.10 -13.19
N VAL A 58 12.60 -0.49 -13.50
CA VAL A 58 11.55 -0.21 -12.49
C VAL A 58 11.23 -1.53 -11.78
N ILE A 59 10.86 -2.55 -12.57
CA ILE A 59 10.44 -3.87 -12.06
C ILE A 59 11.61 -4.48 -11.29
N HIS A 60 12.85 -4.28 -11.75
CA HIS A 60 14.07 -4.75 -11.05
C HIS A 60 14.15 -4.12 -9.65
N ARG A 61 14.13 -2.80 -9.56
CA ARG A 61 14.32 -2.06 -8.29
C ARG A 61 13.26 -2.49 -7.28
N ALA A 62 12.03 -2.70 -7.73
CA ALA A 62 10.86 -3.07 -6.88
C ALA A 62 11.05 -4.44 -6.23
N SER A 63 11.97 -5.27 -6.77
CA SER A 63 12.51 -6.51 -6.16
C SER A 63 11.43 -7.59 -5.96
N PHE A 64 10.33 -7.53 -6.72
CA PHE A 64 9.19 -8.45 -6.57
C PHE A 64 9.22 -9.55 -7.65
N SER A 65 10.14 -9.50 -8.61
CA SER A 65 10.18 -10.45 -9.77
C SER A 65 11.59 -10.84 -10.12
N PRO A 66 12.11 -11.98 -9.60
CA PRO A 66 13.40 -12.50 -10.04
C PRO A 66 13.35 -12.84 -11.54
N LEU A 67 12.16 -13.14 -12.07
CA LEU A 67 11.97 -13.48 -13.50
C LEU A 67 12.44 -12.33 -14.37
N PHE A 68 11.93 -11.11 -14.15
CA PHE A 68 12.17 -9.90 -14.97
C PHE A 68 13.61 -9.41 -14.74
N SER A 69 14.13 -9.58 -13.52
CA SER A 69 15.52 -9.26 -13.14
C SER A 69 16.50 -10.15 -13.93
N ARG A 70 16.23 -11.44 -14.04
CA ARG A 70 17.03 -12.39 -14.87
C ARG A 70 17.13 -11.83 -16.29
N GLN A 71 15.97 -11.62 -16.93
CA GLN A 71 15.83 -11.13 -18.33
C GLN A 71 16.59 -9.82 -18.49
N LEU A 72 16.43 -8.86 -17.55
CA LEU A 72 17.08 -7.53 -17.63
C LEU A 72 18.61 -7.70 -17.58
N PHE A 73 19.14 -8.51 -16.66
CA PHE A 73 20.61 -8.77 -16.55
C PHE A 73 21.11 -9.34 -17.89
N ALA A 74 20.39 -10.32 -18.45
CA ALA A 74 20.72 -11.01 -19.72
C ALA A 74 20.67 -10.01 -20.88
N LEU A 75 19.56 -9.27 -21.02
CA LEU A 75 19.46 -8.17 -22.01
C LEU A 75 20.68 -7.26 -21.88
N LYS A 76 20.90 -6.72 -20.67
CA LYS A 76 21.96 -5.72 -20.39
C LYS A 76 23.33 -6.32 -20.74
N SER A 77 23.47 -7.64 -20.63
CA SER A 77 24.71 -8.39 -20.94
C SER A 77 24.87 -8.53 -22.46
N TYR A 78 23.80 -8.86 -23.20
CA TYR A 78 23.84 -8.92 -24.70
C TYR A 78 24.20 -7.54 -25.26
N ARG A 79 23.73 -6.46 -24.63
CA ARG A 79 23.94 -5.07 -25.09
C ARG A 79 25.42 -4.69 -24.95
N GLN A 80 26.08 -5.08 -23.85
CA GLN A 80 27.49 -4.70 -23.56
C GLN A 80 28.43 -5.36 -24.58
N GLN A 81 27.98 -6.41 -25.27
CA GLN A 81 28.82 -7.23 -26.19
C GLN A 81 28.42 -7.03 -27.66
N ASP A 82 27.50 -6.10 -27.95
CA ASP A 82 26.97 -5.76 -29.30
C ASP A 82 26.31 -6.99 -29.97
N ARG A 83 25.80 -7.93 -29.17
CA ARG A 83 25.05 -9.12 -29.62
C ARG A 83 23.60 -8.71 -29.83
N TRP A 84 23.35 -7.92 -30.88
CA TRP A 84 22.06 -7.21 -31.14
C TRP A 84 21.01 -8.14 -31.72
N HIS A 85 21.39 -9.31 -32.24
CA HIS A 85 20.43 -10.32 -32.72
C HIS A 85 19.79 -11.02 -31.51
N GLU A 86 20.61 -11.48 -30.56
CA GLU A 86 20.16 -12.15 -29.30
C GLU A 86 19.32 -11.19 -28.46
N TYR A 87 19.84 -10.00 -28.18
CA TYR A 87 19.04 -8.91 -27.56
C TYR A 87 17.66 -8.89 -28.21
N ASP A 88 17.61 -8.79 -29.53
CA ASP A 88 16.35 -8.47 -30.25
C ASP A 88 15.29 -9.52 -29.87
N VAL A 89 15.65 -10.80 -29.96
CA VAL A 89 14.71 -11.93 -29.76
C VAL A 89 14.31 -11.98 -28.28
N LEU A 90 15.26 -11.80 -27.36
CA LEU A 90 14.99 -11.90 -25.90
C LEU A 90 14.08 -10.74 -25.43
N ALA A 91 14.32 -9.54 -25.94
CA ALA A 91 13.45 -8.35 -25.75
C ALA A 91 12.01 -8.71 -26.13
N THR A 92 11.84 -9.38 -27.27
CA THR A 92 10.52 -9.71 -27.85
C THR A 92 9.82 -10.67 -26.88
N ASP A 93 10.52 -11.69 -26.40
CA ASP A 93 9.95 -12.70 -25.48
C ASP A 93 9.56 -12.02 -24.16
N THR A 94 10.44 -11.14 -23.68
CA THR A 94 10.32 -10.41 -22.40
C THR A 94 9.17 -9.39 -22.50
N LEU A 95 8.94 -8.81 -23.68
CA LEU A 95 7.80 -7.88 -23.86
C LEU A 95 6.48 -8.66 -23.80
N LEU A 96 6.46 -9.91 -24.26
CA LEU A 96 5.25 -10.76 -24.16
C LEU A 96 4.91 -10.95 -22.68
N GLN A 97 5.91 -11.29 -21.88
CA GLN A 97 5.81 -11.40 -20.40
C GLN A 97 5.27 -10.08 -19.82
N TYR A 98 5.90 -8.94 -20.12
CA TYR A 98 5.45 -7.62 -19.64
C TYR A 98 3.95 -7.47 -19.90
N LEU A 99 3.49 -7.94 -21.06
CA LEU A 99 2.06 -7.82 -21.46
C LEU A 99 1.18 -8.76 -20.62
N SER A 100 1.61 -10.01 -20.39
CA SER A 100 0.86 -10.93 -19.49
C SER A 100 0.74 -10.25 -18.14
N TYR A 101 1.90 -9.80 -17.63
CA TYR A 101 2.11 -9.07 -16.36
C TYR A 101 1.11 -7.90 -16.28
N ALA A 102 1.10 -7.02 -17.28
CA ALA A 102 0.19 -5.86 -17.28
C ALA A 102 -1.27 -6.32 -17.15
N GLU A 103 -1.65 -7.42 -17.80
CA GLU A 103 -3.06 -7.91 -17.84
C GLU A 103 -3.40 -8.62 -16.53
N GLN A 104 -2.45 -9.35 -15.94
CA GLN A 104 -2.71 -10.33 -14.85
C GLN A 104 -2.66 -9.66 -13.47
N ALA A 105 -1.86 -8.60 -13.29
CA ALA A 105 -1.62 -7.98 -11.97
C ALA A 105 -2.93 -7.58 -11.30
N PRO A 106 -3.86 -6.88 -11.99
CA PRO A 106 -5.11 -6.44 -11.37
C PRO A 106 -5.94 -7.65 -10.93
N LYS A 107 -5.80 -8.75 -11.66
CA LYS A 107 -6.51 -10.02 -11.42
C LYS A 107 -5.89 -10.69 -10.20
N VAL A 108 -4.57 -10.92 -10.20
CA VAL A 108 -3.94 -11.92 -9.30
C VAL A 108 -2.56 -11.45 -8.82
N GLY A 109 -2.23 -10.15 -8.94
CA GLY A 109 -0.92 -9.60 -8.59
C GLY A 109 -0.62 -9.67 -7.10
N ILE A 110 -1.66 -9.78 -6.27
CA ILE A 110 -1.55 -9.96 -4.79
C ILE A 110 -0.53 -11.08 -4.50
N ALA A 111 -0.43 -12.07 -5.39
CA ALA A 111 0.50 -13.22 -5.25
C ALA A 111 1.96 -12.73 -5.24
N TRP A 112 2.29 -11.75 -6.08
CA TRP A 112 3.70 -11.34 -6.38
C TRP A 112 4.20 -10.33 -5.33
N PHE A 113 3.34 -9.45 -4.84
CA PHE A 113 3.70 -8.27 -4.02
C PHE A 113 3.53 -8.53 -2.51
N PHE A 114 2.78 -9.57 -2.08
CA PHE A 114 2.44 -9.81 -0.65
C PHE A 114 2.63 -11.28 -0.25
N GLU A 115 1.95 -12.24 -0.89
CA GLU A 115 2.09 -13.69 -0.57
C GLU A 115 3.48 -14.21 -0.97
N GLY A 116 3.77 -14.32 -2.27
CA GLY A 116 5.06 -14.82 -2.79
C GLY A 116 5.72 -13.82 -3.73
N GLN A 117 6.16 -14.28 -4.91
CA GLN A 117 6.95 -13.48 -5.87
C GLN A 117 6.78 -14.00 -7.31
N LEU A 118 6.97 -13.14 -8.30
CA LEU A 118 6.89 -13.49 -9.76
C LEU A 118 8.23 -14.07 -10.22
N ASP A 119 8.50 -15.33 -9.88
CA ASP A 119 9.80 -16.02 -10.13
C ASP A 119 9.66 -16.95 -11.35
N GLN A 120 8.44 -17.28 -11.75
CA GLN A 120 8.15 -18.34 -12.76
C GLN A 120 7.50 -17.69 -13.99
N PRO A 121 7.89 -18.06 -15.23
CA PRO A 121 7.28 -17.48 -16.43
C PRO A 121 5.75 -17.46 -16.41
N LEU A 122 5.17 -16.32 -16.78
CA LEU A 122 3.70 -16.11 -16.90
C LEU A 122 3.17 -16.84 -18.14
N ALA A 123 1.85 -17.05 -18.19
CA ALA A 123 1.11 -17.46 -19.39
C ALA A 123 1.31 -16.40 -20.47
N PRO A 124 1.15 -16.73 -21.77
CA PRO A 124 1.13 -15.73 -22.83
C PRO A 124 0.00 -14.72 -22.67
N PRO A 125 0.12 -13.51 -23.26
CA PRO A 125 -0.94 -12.51 -23.15
C PRO A 125 -2.15 -12.92 -23.98
N SER A 126 -3.29 -12.27 -23.73
CA SER A 126 -4.56 -12.45 -24.50
C SER A 126 -4.32 -12.21 -25.99
N GLU A 127 -5.29 -12.62 -26.82
CA GLU A 127 -5.29 -12.38 -28.29
C GLU A 127 -5.31 -10.87 -28.55
N GLU A 128 -6.19 -10.13 -27.85
CA GLU A 128 -6.35 -8.64 -27.91
C GLU A 128 -4.98 -7.95 -27.83
N ALA A 129 -4.15 -8.41 -26.88
CA ALA A 129 -2.78 -7.89 -26.62
C ALA A 129 -1.86 -8.29 -27.77
N GLN A 130 -1.87 -9.56 -28.18
CA GLN A 130 -1.04 -10.07 -29.31
C GLN A 130 -1.37 -9.28 -30.57
N LEU A 131 -2.63 -8.89 -30.70
CA LEU A 131 -3.13 -8.09 -31.85
C LEU A 131 -2.50 -6.69 -31.80
N ALA A 132 -2.80 -5.90 -30.75
CA ALA A 132 -2.20 -4.58 -30.43
C ALA A 132 -0.67 -4.60 -30.65
N LEU A 133 0.01 -5.66 -30.23
CA LEU A 133 1.47 -5.82 -30.43
C LEU A 133 1.79 -5.89 -31.92
N HIS A 134 1.14 -6.80 -32.65
CA HIS A 134 1.36 -7.00 -34.12
C HIS A 134 1.26 -5.63 -34.79
N ALA A 136 1.45 -2.56 -33.36
CA ALA A 136 2.51 -1.67 -32.90
C ALA A 136 3.80 -1.94 -33.67
N ILE A 137 4.13 -3.23 -33.87
CA ILE A 137 5.33 -3.67 -34.63
C ILE A 137 5.30 -2.99 -36.02
N GLY A 138 4.20 -3.13 -36.74
CA GLY A 138 4.01 -2.52 -38.06
C GLY A 138 4.03 -0.99 -38.04
N ASN A 139 3.50 -0.33 -37.00
CA ASN A 139 3.43 1.16 -36.98
C ASN A 139 4.66 1.76 -36.26
N GLN A 140 5.67 0.94 -35.93
CA GLN A 140 6.92 1.34 -35.21
C GLN A 140 6.58 2.16 -33.96
N SER A 141 5.72 1.61 -33.11
CA SER A 141 5.13 2.26 -31.91
C SER A 141 5.14 1.28 -30.72
N LEU A 142 6.24 0.53 -30.54
CA LEU A 142 6.43 -0.36 -29.37
C LEU A 142 6.37 0.49 -28.09
N ALA A 143 7.05 1.64 -28.08
CA ALA A 143 7.09 2.57 -26.92
C ALA A 143 5.65 2.89 -26.51
N ARG A 144 4.83 3.37 -27.46
CA ARG A 144 3.41 3.69 -27.18
C ARG A 144 2.74 2.43 -26.62
N LEU A 145 3.08 1.23 -27.11
CA LEU A 145 2.42 -0.02 -26.67
C LEU A 145 2.71 -0.24 -25.19
N ASP A 147 3.69 1.97 -22.89
CA ASP A 147 3.06 3.01 -22.10
C ASP A 147 1.56 2.72 -22.02
N GLU A 148 0.94 2.28 -23.12
CA GLU A 148 -0.52 1.97 -23.16
C GLU A 148 -0.81 0.91 -22.09
N TYR A 149 0.17 0.05 -21.79
CA TYR A 149 0.04 -1.12 -20.89
C TYR A 149 0.63 -0.77 -19.51
N THR A 150 0.65 0.50 -19.16
CA THR A 150 0.85 1.00 -17.79
C THR A 150 -0.47 1.60 -17.31
N PRO A 151 -0.79 1.56 -16.00
CA PRO A 151 -2.05 2.13 -15.52
C PRO A 151 -2.17 3.60 -15.96
N GLN A 152 -3.25 3.91 -16.67
CA GLN A 152 -3.60 5.27 -17.12
C GLN A 152 -4.25 5.97 -15.93
N ASP A 153 -3.51 5.99 -14.83
CA ASP A 153 -3.89 6.56 -13.52
C ASP A 153 -2.87 7.66 -13.23
N PRO A 154 -3.31 8.89 -12.94
CA PRO A 154 -2.39 9.96 -12.57
C PRO A 154 -1.59 9.58 -11.31
N ALA A 155 -2.14 8.72 -10.45
CA ALA A 155 -1.47 8.16 -9.26
C ALA A 155 -0.17 7.49 -9.72
N TYR A 156 -0.26 6.64 -10.74
CA TYR A 156 0.88 5.86 -11.28
C TYR A 156 1.92 6.85 -11.79
N GLN A 157 1.46 7.78 -12.61
CA GLN A 157 2.30 8.64 -13.49
C GLN A 157 3.07 9.68 -12.67
N GLN A 158 2.46 10.16 -11.58
CA GLN A 158 3.06 11.06 -10.57
C GLN A 158 4.25 10.36 -9.90
N LEU A 159 4.10 9.09 -9.52
CA LEU A 159 5.23 8.32 -8.95
C LEU A 159 6.29 8.12 -10.01
N LEU A 160 5.89 7.82 -11.25
CA LEU A 160 6.88 7.61 -12.35
C LEU A 160 7.60 8.91 -12.67
N GLN A 161 6.88 10.04 -12.71
CA GLN A 161 7.49 11.39 -12.90
C GLN A 161 8.60 11.59 -11.87
N ALA A 162 8.32 11.27 -10.61
CA ALA A 162 9.27 11.50 -9.49
C ALA A 162 10.45 10.54 -9.66
N TYR A 163 10.16 9.30 -10.05
CA TYR A 163 11.20 8.28 -10.27
C TYR A 163 12.16 8.82 -11.34
N GLN A 164 11.61 9.40 -12.41
CA GLN A 164 12.41 9.88 -13.58
C GLN A 164 13.33 11.04 -13.15
N SER A 165 12.81 12.04 -12.44
CA SER A 165 13.59 13.17 -11.85
C SER A 165 14.75 12.63 -11.00
N LEU A 166 14.44 11.83 -9.99
CA LEU A 166 15.43 11.27 -9.04
C LEU A 166 16.43 10.38 -9.77
N SER A 167 15.99 9.60 -10.76
CA SER A 167 16.87 8.69 -11.56
C SER A 167 18.04 9.50 -12.13
N SER A 168 17.77 10.74 -12.55
CA SER A 168 18.69 11.68 -13.23
C SER A 168 19.87 12.10 -12.33
N ILE A 169 19.77 11.87 -11.00
CA ILE A 169 20.77 12.32 -9.99
C ILE A 169 21.07 11.20 -8.98
N GLU A 170 20.87 9.93 -9.35
CA GLU A 170 21.05 8.81 -8.41
C GLU A 170 22.44 8.87 -7.78
N PHE A 171 23.48 9.03 -8.61
CA PHE A 171 24.88 8.76 -8.22
C PHE A 171 25.63 10.06 -7.91
N ASN A 172 24.93 11.21 -7.87
CA ASN A 172 25.41 12.47 -7.24
C ASN A 172 25.63 12.20 -5.75
N GLU A 173 26.89 12.17 -5.33
CA GLU A 173 27.25 11.93 -3.90
C GLU A 173 26.82 13.16 -3.09
N VAL A 174 26.18 12.92 -1.95
CA VAL A 174 25.64 13.96 -1.03
C VAL A 174 25.98 13.54 0.41
N ALA A 175 26.74 14.37 1.12
CA ALA A 175 27.23 14.08 2.49
C ALA A 175 26.06 13.54 3.32
N LEU A 176 26.30 12.48 4.07
CA LEU A 176 25.36 11.95 5.09
C LEU A 176 25.17 13.06 6.13
N TYR A 177 23.92 13.40 6.48
CA TYR A 177 23.63 14.38 7.56
C TYR A 177 23.96 13.72 8.91
N GLU A 178 24.86 14.33 9.68
CA GLU A 178 25.26 13.91 11.05
C GLU A 178 24.85 14.98 12.06
N GLN A 179 24.70 14.60 13.34
CA GLN A 179 24.59 15.54 14.47
C GLN A 179 25.12 14.90 15.75
N GLU A 181 24.09 15.17 19.17
CA GLU A 181 23.17 14.52 20.09
C GLU A 181 21.99 13.90 19.33
N ARG A 182 21.40 12.84 19.88
CA ARG A 182 20.28 12.06 19.30
C ARG A 182 19.10 12.98 18.92
N LEU A 183 18.76 13.97 19.75
CA LEU A 183 17.71 14.97 19.45
C LEU A 183 18.37 16.30 19.11
N LYS A 184 17.65 17.23 18.50
CA LYS A 184 18.16 18.59 18.16
C LYS A 184 16.97 19.51 17.84
N ARG A 185 16.79 20.54 18.65
CA ARG A 185 15.55 21.35 18.71
C ARG A 185 15.84 22.71 18.10
N PRO A 186 14.81 23.40 17.56
CA PRO A 186 14.94 24.80 17.18
C PRO A 186 15.78 25.57 18.22
N GLY A 187 16.79 26.31 17.76
CA GLY A 187 17.62 27.20 18.58
C GLY A 187 18.96 26.59 18.93
N ASP A 188 19.13 25.29 18.76
CA ASP A 188 20.38 24.55 19.12
C ASP A 188 21.46 24.78 18.05
N PRO A 189 22.74 24.61 18.40
CA PRO A 189 23.81 24.63 17.40
C PRO A 189 23.62 23.51 16.37
N LEU A 190 24.09 23.74 15.15
CA LEU A 190 23.88 22.85 13.99
C LEU A 190 25.18 22.74 13.18
N SER A 191 25.85 21.60 13.23
CA SER A 191 27.14 21.34 12.52
C SER A 191 26.92 21.29 10.99
N HIS A 192 26.15 20.32 10.50
CA HIS A 192 26.10 19.96 9.05
C HIS A 192 24.87 20.60 8.37
N ARG A 193 24.83 21.93 8.24
CA ARG A 193 23.72 22.69 7.60
C ARG A 193 23.65 22.34 6.11
N GLU A 194 24.80 22.20 5.45
CA GLU A 194 24.90 21.96 3.99
C GLU A 194 24.17 20.64 3.72
N ALA A 195 24.63 19.56 4.36
CA ALA A 195 24.10 18.18 4.18
C ALA A 195 22.59 18.17 4.45
N LEU A 196 22.16 18.87 5.50
CA LEU A 196 20.74 18.92 5.89
C LEU A 196 19.90 19.52 4.76
N VAL A 197 20.34 20.65 4.21
CA VAL A 197 19.60 21.42 3.17
C VAL A 197 19.63 20.67 1.84
N GLN A 198 20.78 20.07 1.50
CA GLN A 198 20.93 19.19 0.32
C GLN A 198 19.86 18.09 0.40
N ARG A 199 19.66 17.55 1.61
CA ARG A 199 18.79 16.35 1.82
C ARG A 199 17.32 16.75 1.85
N LEU A 200 16.99 17.95 2.29
CA LEU A 200 15.62 18.51 2.18
C LEU A 200 15.29 18.74 0.70
N ALA A 201 16.29 19.12 -0.09
CA ALA A 201 16.14 19.41 -1.53
C ALA A 201 15.82 18.10 -2.27
N LEU A 202 16.55 17.01 -1.97
CA LEU A 202 16.44 15.67 -2.63
C LEU A 202 14.98 15.31 -2.87
N VAL A 203 14.11 15.64 -1.91
CA VAL A 203 12.67 15.31 -1.92
C VAL A 203 11.86 16.54 -2.41
N ASN A 204 12.53 17.44 -3.14
CA ASN A 204 11.98 18.67 -3.78
C ASN A 204 11.11 19.43 -2.77
N LEU A 205 11.65 19.68 -1.58
CA LEU A 205 11.19 20.79 -0.70
C LEU A 205 11.91 22.06 -1.15
N ASP A 206 11.18 23.17 -1.09
CA ASP A 206 11.70 24.53 -1.39
C ASP A 206 12.74 24.91 -0.32
N THR A 207 14.02 25.03 -0.71
CA THR A 207 15.14 25.35 0.21
C THR A 207 15.66 26.76 -0.09
N THR A 208 14.94 27.50 -0.93
CA THR A 208 15.43 28.79 -1.51
C THR A 208 15.50 29.86 -0.42
N SER A 209 14.56 29.88 0.54
CA SER A 209 14.43 30.89 1.63
C SER A 209 15.29 30.52 2.86
N ILE A 210 15.86 29.32 2.90
CA ILE A 210 16.77 28.89 4.01
C ILE A 210 18.03 29.76 3.96
N LEU A 211 18.43 30.33 5.08
CA LEU A 211 19.61 31.22 5.21
C LEU A 211 20.87 30.36 5.22
N ASN A 212 22.01 30.91 4.78
CA ASN A 212 23.31 30.21 4.64
C ASN A 212 24.20 30.47 5.85
N ASP A 213 25.05 29.50 6.19
CA ASP A 213 26.17 29.63 7.15
C ASP A 213 25.67 30.36 8.41
N VAL A 214 24.52 29.92 8.92
CA VAL A 214 23.98 30.19 10.28
C VAL A 214 24.28 28.93 11.11
N ALA A 215 25.05 29.09 12.18
CA ALA A 215 25.66 27.97 12.96
C ALA A 215 24.61 27.27 13.83
N TYR A 216 23.33 27.67 13.75
CA TYR A 216 22.25 27.14 14.62
C TYR A 216 20.99 26.84 13.80
N TYR A 217 20.13 26.00 14.37
CA TYR A 217 18.82 25.57 13.82
C TYR A 217 17.82 26.73 13.91
N ASP A 218 17.82 27.57 12.89
CA ASP A 218 17.07 28.85 12.88
C ASP A 218 15.64 28.65 12.35
N ALA A 219 14.85 29.72 12.36
CA ALA A 219 13.47 29.79 11.84
C ALA A 219 13.43 29.34 10.38
N SER A 220 14.43 29.71 9.58
CA SER A 220 14.45 29.43 8.12
C SER A 220 14.37 27.91 7.88
N LEU A 221 14.83 27.11 8.86
CA LEU A 221 14.86 25.62 8.80
C LEU A 221 13.59 24.99 9.39
N GLU A 222 12.95 25.64 10.36
CA GLU A 222 11.74 25.07 11.03
C GLU A 222 10.73 24.59 9.97
N LYS A 223 10.24 25.47 9.09
CA LYS A 223 9.11 25.10 8.19
C LYS A 223 9.56 23.98 7.25
N PRO A 224 10.68 24.08 6.50
CA PRO A 224 11.16 22.95 5.69
C PRO A 224 11.24 21.62 6.46
N ILE A 225 11.78 21.64 7.69
CA ILE A 225 11.88 20.44 8.56
C ILE A 225 10.47 19.96 8.90
N LYS A 226 9.56 20.87 9.23
CA LYS A 226 8.17 20.48 9.67
C LYS A 226 7.42 19.87 8.47
N GLN A 227 7.73 20.26 7.24
CA GLN A 227 6.98 19.69 6.09
C GLN A 227 7.71 18.44 5.60
N PHE A 228 9.03 18.34 5.73
CA PHE A 228 9.74 17.04 5.58
C PHE A 228 9.15 16.03 6.56
N GLN A 229 8.90 16.45 7.80
CA GLN A 229 8.29 15.56 8.83
C GLN A 229 6.88 15.14 8.41
N LYS A 230 6.05 16.09 7.99
CA LYS A 230 4.66 15.85 7.53
C LYS A 230 4.67 14.90 6.34
N HIS A 232 6.65 12.64 5.70
CA HIS A 232 7.00 11.28 6.09
C HIS A 232 6.05 10.73 7.17
N GLY A 233 4.90 11.38 7.36
CA GLY A 233 3.86 11.02 8.34
C GLY A 233 4.40 10.98 9.77
N LEU A 234 5.32 11.90 10.13
CA LEU A 234 5.93 12.00 11.49
C LEU A 234 5.27 13.14 12.25
N GLN A 235 5.32 13.09 13.58
CA GLN A 235 4.91 14.25 14.43
C GLN A 235 5.64 15.47 13.86
N THR A 236 4.92 16.51 13.46
CA THR A 236 5.56 17.78 12.98
C THR A 236 6.00 18.62 14.19
N ASP A 237 6.89 18.10 15.04
CA ASP A 237 7.32 18.77 16.30
C ASP A 237 8.53 19.68 16.08
N GLY A 238 9.14 19.67 14.88
CA GLY A 238 10.32 20.49 14.55
C GLY A 238 11.63 19.85 15.00
N VAL A 239 11.58 18.69 15.65
CA VAL A 239 12.74 18.10 16.38
C VAL A 239 13.45 17.09 15.47
N ILE A 240 14.70 17.34 15.12
CA ILE A 240 15.52 16.37 14.33
C ILE A 240 16.01 15.25 15.25
N GLY A 241 15.21 14.17 15.37
CA GLY A 241 15.54 12.96 16.13
C GLY A 241 15.84 11.77 15.20
N PRO A 242 15.86 10.52 15.71
CA PRO A 242 16.21 9.37 14.87
C PRO A 242 15.27 9.15 13.68
N GLN A 243 13.95 9.27 13.86
CA GLN A 243 12.95 8.97 12.80
C GLN A 243 13.17 9.94 11.62
N THR A 244 13.44 11.20 11.93
CA THR A 244 13.68 12.23 10.89
C THR A 244 14.96 11.85 10.17
N LYS A 246 16.62 8.96 9.89
CA LYS A 246 16.36 7.79 9.05
C LYS A 246 15.96 8.20 7.63
N TRP A 247 14.96 9.08 7.49
CA TRP A 247 14.42 9.51 6.19
C TRP A 247 15.34 10.54 5.53
N LEU A 248 15.90 11.48 6.30
CA LEU A 248 16.84 12.47 5.74
C LEU A 248 17.96 11.69 5.02
N ASN A 249 18.45 10.63 5.64
CA ASN A 249 19.73 9.97 5.26
C ASN A 249 19.45 8.75 4.41
N THR A 250 18.23 8.58 3.89
CA THR A 250 17.96 7.50 2.89
C THR A 250 18.53 7.97 1.54
N SER A 251 19.25 7.07 0.87
CA SER A 251 19.85 7.23 -0.48
C SER A 251 18.75 7.46 -1.52
N VAL A 252 19.13 7.97 -2.68
CA VAL A 252 18.22 8.09 -3.85
C VAL A 252 17.93 6.68 -4.39
N THR A 253 18.89 5.76 -4.37
CA THR A 253 18.68 4.34 -4.72
C THR A 253 17.51 3.77 -3.90
N GLU A 254 17.47 4.05 -2.59
CA GLU A 254 16.41 3.53 -1.68
C GLU A 254 15.08 4.19 -2.03
N ARG A 255 15.08 5.48 -2.33
CA ARG A 255 13.83 6.21 -2.67
C ARG A 255 13.29 5.71 -4.02
N LEU A 256 14.16 5.46 -5.01
CA LEU A 256 13.73 4.98 -6.35
C LEU A 256 13.11 3.61 -6.19
N ALA A 257 13.68 2.76 -5.33
CA ALA A 257 13.11 1.41 -5.04
C ALA A 257 11.69 1.57 -4.47
N LEU A 258 11.51 2.50 -3.52
CA LEU A 258 10.19 2.72 -2.85
C LEU A 258 9.16 3.15 -3.90
N LEU A 259 9.52 4.13 -4.74
CA LEU A 259 8.73 4.63 -5.88
C LEU A 259 8.39 3.47 -6.81
N ALA A 260 9.39 2.65 -7.14
CA ALA A 260 9.25 1.56 -8.14
C ALA A 260 8.19 0.59 -7.62
N LEU A 261 8.44 0.04 -6.43
CA LEU A 261 7.49 -0.87 -5.77
C LEU A 261 6.10 -0.24 -5.76
N ASN A 262 5.98 1.04 -5.41
CA ASN A 262 4.64 1.61 -5.12
C ASN A 262 3.89 1.92 -6.41
N ALA A 263 4.60 2.31 -7.47
CA ALA A 263 4.03 2.46 -8.82
C ALA A 263 3.45 1.12 -9.28
N GLU A 264 4.27 0.06 -9.22
CA GLU A 264 3.87 -1.29 -9.69
C GLU A 264 2.68 -1.76 -8.85
N ARG A 265 2.60 -1.37 -7.58
CA ARG A 265 1.48 -1.77 -6.69
C ARG A 265 0.16 -1.18 -7.18
N ILE A 266 0.18 -0.12 -7.99
CA ILE A 266 -1.07 0.57 -8.39
C ILE A 266 -1.80 -0.25 -9.47
N ARG A 267 -1.09 -1.19 -10.08
CA ARG A 267 -1.65 -2.20 -11.01
C ARG A 267 -2.64 -3.09 -10.25
N LEU A 268 -2.33 -3.41 -8.99
CA LEU A 268 -3.17 -4.26 -8.11
C LEU A 268 -4.45 -3.49 -7.79
N TRP A 269 -4.32 -2.27 -7.28
CA TRP A 269 -5.47 -1.51 -6.71
C TRP A 269 -6.57 -1.43 -7.76
N PRO A 270 -7.81 -1.82 -7.41
CA PRO A 270 -8.88 -2.02 -8.36
C PRO A 270 -9.37 -0.69 -8.95
N THR A 271 -8.82 -0.32 -10.11
CA THR A 271 -9.23 0.85 -10.95
C THR A 271 -9.55 2.05 -10.04
N GLN A 272 -10.71 2.67 -10.25
CA GLN A 272 -11.26 3.80 -9.47
C GLN A 272 -12.75 3.85 -9.75
N GLN A 273 -13.58 4.02 -8.72
CA GLN A 273 -15.06 4.13 -8.85
C GLN A 273 -15.47 5.52 -8.34
N ASP A 274 -16.58 6.06 -8.84
CA ASP A 274 -17.14 7.35 -8.39
C ASP A 274 -17.38 7.24 -6.89
N SER A 275 -18.10 6.20 -6.47
CA SER A 275 -18.41 5.86 -5.05
C SER A 275 -17.52 4.70 -4.64
N ILE A 277 -14.52 3.52 -1.07
CA ILE A 277 -13.85 3.79 0.19
C ILE A 277 -12.47 3.13 0.18
N VAL A 278 -11.42 3.91 0.45
CA VAL A 278 -10.01 3.43 0.45
C VAL A 278 -9.43 3.67 1.83
N VAL A 279 -8.84 2.62 2.39
CA VAL A 279 -8.03 2.64 3.64
C VAL A 279 -6.60 2.31 3.24
N ASN A 280 -5.65 3.22 3.49
CA ASN A 280 -4.21 2.96 3.29
C ASN A 280 -3.57 2.65 4.65
N VAL A 281 -3.15 1.41 4.84
CA VAL A 281 -2.72 0.84 6.15
C VAL A 281 -1.51 1.62 6.68
N PRO A 282 -0.38 1.67 5.94
CA PRO A 282 0.81 2.37 6.46
C PRO A 282 0.64 3.89 6.53
N GLY A 283 -0.37 4.41 5.84
CA GLY A 283 -0.80 5.81 5.92
C GLY A 283 -1.74 6.05 7.09
N PHE A 284 -2.28 4.98 7.66
CA PHE A 284 -3.23 5.03 8.81
C PHE A 284 -4.29 6.08 8.51
N ASP A 285 -4.73 6.19 7.26
CA ASP A 285 -5.78 7.16 6.84
C ASP A 285 -6.74 6.48 5.87
N LYS A 287 -10.27 7.53 3.00
CA LYS A 287 -11.00 8.53 2.24
C LYS A 287 -12.23 7.83 1.65
N TYR A 288 -13.35 8.54 1.66
CA TYR A 288 -14.64 8.11 1.09
C TYR A 288 -14.91 9.07 -0.07
N TRP A 289 -14.73 8.56 -1.29
CA TRP A 289 -15.21 9.21 -2.55
C TRP A 289 -16.67 8.80 -2.78
N ASP A 290 -17.48 9.75 -3.25
CA ASP A 290 -18.90 9.53 -3.60
C ASP A 290 -19.24 10.49 -4.75
N ALA A 291 -19.57 9.93 -5.92
CA ALA A 291 -19.96 10.66 -7.14
C ALA A 291 -18.81 11.57 -7.59
N GLY A 292 -17.60 11.01 -7.70
CA GLY A 292 -16.39 11.72 -8.14
C GLY A 292 -15.81 12.60 -7.05
N ARG A 293 -16.61 12.93 -6.02
CA ARG A 293 -16.21 13.84 -4.94
C ARG A 293 -15.54 13.06 -3.81
N GLU A 294 -14.39 13.53 -3.35
CA GLU A 294 -13.88 13.25 -1.99
C GLU A 294 -14.85 13.95 -1.03
N VAL A 295 -15.66 13.20 -0.27
CA VAL A 295 -16.70 13.71 0.66
C VAL A 295 -16.27 13.56 2.13
N PHE A 296 -15.20 12.82 2.41
CA PHE A 296 -14.79 12.48 3.80
C PHE A 296 -13.38 11.87 3.83
N GLU A 297 -12.57 12.35 4.77
CA GLU A 297 -11.25 11.76 5.10
C GLU A 297 -11.12 11.69 6.62
N SER A 298 -10.24 10.81 7.10
CA SER A 298 -10.07 10.55 8.54
C SER A 298 -8.83 9.69 8.78
N LYS A 299 -8.16 9.93 9.90
CA LYS A 299 -7.14 9.04 10.49
C LYS A 299 -7.85 7.74 10.89
N VAL A 300 -7.17 6.61 10.84
CA VAL A 300 -7.71 5.34 11.40
C VAL A 300 -6.62 4.69 12.23
N VAL A 301 -7.04 3.74 13.06
CA VAL A 301 -6.16 2.71 13.68
C VAL A 301 -6.32 1.40 12.90
N VAL A 302 -5.21 0.80 12.52
CA VAL A 302 -5.18 -0.53 11.85
C VAL A 302 -4.62 -1.58 12.81
N GLY A 303 -4.76 -2.86 12.46
CA GLY A 303 -4.29 -4.03 13.22
C GLY A 303 -2.82 -3.91 13.56
N LYS A 304 -2.40 -4.49 14.68
CA LYS A 304 -0.97 -4.50 15.12
C LYS A 304 -0.21 -5.48 14.23
N THR A 305 1.12 -5.42 14.24
CA THR A 305 2.02 -6.26 13.39
C THR A 305 1.64 -7.73 13.52
N THR A 306 1.24 -8.17 14.73
CA THR A 306 0.93 -9.58 15.07
C THR A 306 -0.48 -9.96 14.60
N ARG A 307 -1.42 -9.01 14.52
CA ARG A 307 -2.80 -9.23 13.99
C ARG A 307 -3.04 -8.21 12.88
N PRO A 308 -2.26 -8.29 11.77
CA PRO A 308 -2.23 -7.23 10.75
C PRO A 308 -3.53 -7.10 9.96
N THR A 309 -3.84 -5.89 9.52
CA THR A 309 -4.98 -5.65 8.60
C THR A 309 -4.57 -6.11 7.21
N PRO A 310 -5.25 -7.12 6.63
CA PRO A 310 -4.92 -7.62 5.31
C PRO A 310 -5.37 -6.70 4.15
N VAL A 311 -4.62 -6.76 3.05
CA VAL A 311 -5.01 -6.13 1.76
C VAL A 311 -6.20 -6.90 1.21
N ASN A 313 -10.53 -6.39 -0.75
CA ASN A 313 -11.63 -5.61 -1.29
C ASN A 313 -12.93 -6.25 -0.80
N THR A 314 -13.84 -5.44 -0.30
CA THR A 314 -15.17 -5.89 0.20
C THR A 314 -16.14 -4.75 -0.12
N LYS A 315 -17.38 -4.85 0.33
CA LYS A 315 -18.37 -3.77 0.15
C LYS A 315 -18.98 -3.47 1.52
N LEU A 316 -19.28 -2.20 1.74
CA LEU A 316 -19.99 -1.71 2.95
C LEU A 316 -21.49 -1.94 2.72
N ASP A 317 -22.05 -2.88 3.48
CA ASP A 317 -23.44 -3.36 3.32
C ASP A 317 -24.37 -2.50 4.15
N SER A 318 -23.99 -2.27 5.41
CA SER A 318 -24.88 -1.70 6.45
C SER A 318 -24.07 -0.97 7.53
N LEU A 319 -24.78 -0.20 8.32
CA LEU A 319 -24.22 0.64 9.41
C LEU A 319 -25.07 0.39 10.66
N ILE A 320 -24.44 0.09 11.79
CA ILE A 320 -25.13 -0.05 13.11
C ILE A 320 -24.79 1.19 13.94
N ILE A 321 -25.82 1.90 14.37
CA ILE A 321 -25.75 2.96 15.40
C ILE A 321 -25.99 2.31 16.77
N ASN A 322 -25.16 2.67 17.76
CA ASN A 322 -25.23 2.18 19.15
C ASN A 322 -25.05 0.67 19.18
N PRO A 323 -24.04 0.13 18.45
CA PRO A 323 -23.83 -1.31 18.41
C PRO A 323 -23.53 -1.80 19.83
N THR A 324 -24.12 -2.95 20.20
CA THR A 324 -23.60 -3.86 21.25
C THR A 324 -22.37 -4.56 20.67
N TRP A 325 -21.49 -5.10 21.50
CA TRP A 325 -20.28 -5.81 21.03
C TRP A 325 -20.33 -7.27 21.54
N ASN A 326 -20.57 -8.21 20.64
CA ASN A 326 -20.54 -9.67 20.92
C ASN A 326 -19.07 -10.12 20.97
N VAL A 327 -18.50 -10.25 22.16
CA VAL A 327 -17.05 -10.58 22.36
C VAL A 327 -16.75 -11.93 21.74
N PRO A 328 -16.03 -12.01 20.60
CA PRO A 328 -15.72 -13.30 19.98
C PRO A 328 -15.00 -14.25 20.96
N HIS A 329 -15.21 -15.55 20.78
CA HIS A 329 -14.67 -16.63 21.65
C HIS A 329 -13.18 -16.39 21.91
N LYS A 330 -12.33 -16.42 20.88
CA LYS A 330 -10.86 -16.36 21.04
C LYS A 330 -10.50 -15.28 22.08
N ILE A 331 -11.19 -14.14 22.04
CA ILE A 331 -10.88 -12.92 22.84
C ILE A 331 -11.28 -13.17 24.29
N VAL A 333 -11.75 -16.12 25.76
CA VAL A 333 -10.97 -17.20 26.35
C VAL A 333 -9.61 -16.69 26.82
N GLU A 334 -8.83 -16.07 25.93
CA GLU A 334 -7.42 -15.70 26.21
C GLU A 334 -7.36 -14.35 26.93
N ASP A 335 -7.99 -13.31 26.36
CA ASP A 335 -7.81 -11.89 26.77
C ASP A 335 -8.64 -11.55 28.01
N ILE A 336 -9.94 -11.90 28.06
CA ILE A 336 -10.91 -11.30 29.03
C ILE A 336 -11.10 -12.14 30.30
N LEU A 337 -11.49 -13.42 30.20
CA LEU A 337 -11.90 -14.23 31.38
C LEU A 337 -10.79 -14.25 32.44
N PRO A 338 -9.48 -14.41 32.08
CA PRO A 338 -8.41 -14.36 33.08
C PRO A 338 -8.29 -13.06 33.87
N VAL A 340 -11.11 -11.20 34.62
CA VAL A 340 -12.27 -11.15 35.50
C VAL A 340 -12.08 -12.16 36.65
N LYS A 341 -11.20 -13.15 36.44
CA LYS A 341 -10.82 -14.17 37.45
C LYS A 341 -10.05 -13.51 38.59
N ARG A 342 -9.35 -12.40 38.33
CA ARG A 342 -8.65 -11.59 39.38
C ARG A 342 -9.48 -10.34 39.70
N ASP A 343 -9.60 -9.38 38.79
CA ASP A 343 -10.44 -8.17 39.03
C ASP A 343 -11.92 -8.58 39.02
N SER A 344 -12.50 -8.77 40.21
CA SER A 344 -13.92 -9.13 40.42
C SER A 344 -14.82 -7.91 40.17
N GLU A 345 -14.29 -6.82 39.61
CA GLU A 345 -15.09 -5.64 39.23
C GLU A 345 -15.01 -5.38 37.72
N TYR A 346 -14.17 -6.13 36.99
CA TYR A 346 -13.96 -5.95 35.53
C TYR A 346 -15.30 -5.76 34.83
N LEU A 347 -16.15 -6.80 34.86
CA LEU A 347 -17.41 -6.86 34.07
C LEU A 347 -18.21 -5.57 34.26
N ALA A 348 -18.35 -5.09 35.50
CA ALA A 348 -19.23 -3.94 35.84
C ALA A 348 -18.64 -2.62 35.31
N ASN A 349 -17.31 -2.48 35.38
CA ASN A 349 -16.56 -1.28 34.91
C ASN A 349 -16.76 -1.11 33.39
N HIS A 350 -16.62 -2.22 32.64
CA HIS A 350 -16.68 -2.28 31.15
C HIS A 350 -18.10 -2.55 30.65
N HIS A 351 -19.11 -2.48 31.52
CA HIS A 351 -20.56 -2.61 31.16
C HIS A 351 -20.80 -3.89 30.37
N GLU A 353 -21.96 -7.77 30.20
CA GLU A 353 -22.86 -8.69 30.88
C GLU A 353 -22.65 -10.10 30.32
N ILE A 354 -22.92 -11.13 31.13
CA ILE A 354 -22.72 -12.55 30.75
C ILE A 354 -24.05 -13.06 30.18
N ILE A 355 -23.97 -13.74 29.05
CA ILE A 355 -25.12 -14.15 28.19
C ILE A 355 -25.01 -15.65 27.99
N ARG A 356 -26.15 -16.36 28.12
CA ARG A 356 -26.20 -17.84 28.10
C ARG A 356 -25.61 -18.32 26.75
N GLY A 357 -26.20 -17.87 25.65
CA GLY A 357 -25.70 -18.10 24.28
C GLY A 357 -26.09 -16.97 23.34
N TRP A 358 -25.51 -16.91 22.14
CA TRP A 358 -25.88 -15.89 21.12
C TRP A 358 -27.37 -16.06 20.75
N SER A 359 -27.87 -17.29 20.74
CA SER A 359 -29.29 -17.66 20.49
C SER A 359 -30.16 -17.32 21.71
N ASP A 360 -29.77 -17.80 22.89
CA ASP A 360 -30.50 -17.64 24.17
C ASP A 360 -29.90 -16.46 24.96
N PRO A 361 -30.45 -15.23 24.85
CA PRO A 361 -29.75 -14.03 25.29
C PRO A 361 -29.94 -13.68 26.79
N GLU A 362 -30.27 -14.68 27.61
CA GLU A 362 -30.56 -14.55 29.06
C GLU A 362 -29.32 -14.00 29.81
N VAL A 363 -29.48 -12.86 30.47
CA VAL A 363 -28.38 -12.24 31.29
C VAL A 363 -28.21 -13.05 32.58
N ILE A 364 -27.00 -13.55 32.80
CA ILE A 364 -26.55 -14.25 34.03
C ILE A 364 -25.73 -13.26 34.86
N ASP A 365 -26.15 -12.94 36.08
CA ASP A 365 -25.37 -12.12 37.05
C ASP A 365 -24.02 -12.81 37.28
N PRO A 366 -22.88 -12.08 37.35
CA PRO A 366 -21.57 -12.72 37.51
C PRO A 366 -21.41 -13.43 38.86
N ALA A 367 -22.27 -13.09 39.84
CA ALA A 367 -22.23 -13.58 41.24
C ALA A 367 -22.68 -15.05 41.32
N LEU A 368 -23.39 -15.55 40.31
CA LEU A 368 -23.99 -16.91 40.31
C LEU A 368 -22.96 -17.93 39.82
N ILE A 369 -21.67 -17.63 39.90
CA ILE A 369 -20.60 -18.40 39.20
C ILE A 369 -19.40 -18.61 40.11
N ASP A 370 -18.98 -19.87 40.19
CA ASP A 370 -17.83 -20.35 41.01
C ASP A 370 -16.57 -20.06 40.20
N TRP A 371 -15.97 -18.88 40.39
CA TRP A 371 -14.93 -18.31 39.47
C TRP A 371 -13.59 -19.03 39.66
N GLU A 372 -13.34 -19.54 40.86
CA GLU A 372 -12.27 -20.54 41.11
C GLU A 372 -12.42 -21.64 40.05
N ALA A 373 -13.63 -22.20 39.95
CA ALA A 373 -14.00 -23.38 39.13
C ALA A 373 -13.78 -23.17 37.63
N VAL A 374 -13.83 -21.93 37.11
CA VAL A 374 -13.91 -21.67 35.64
C VAL A 374 -12.50 -21.80 35.04
N GLU A 375 -12.37 -22.65 34.00
CA GLU A 375 -11.23 -22.71 33.06
C GLU A 375 -11.66 -21.99 31.78
N PRO A 376 -11.06 -20.83 31.43
CA PRO A 376 -11.52 -20.05 30.28
C PRO A 376 -11.85 -20.86 29.01
N GLU A 377 -11.05 -21.88 28.69
CA GLU A 377 -11.14 -22.67 27.42
C GLU A 377 -12.53 -23.32 27.29
N THR A 378 -13.07 -23.79 28.41
CA THR A 378 -14.31 -24.60 28.51
C THR A 378 -15.49 -23.76 29.02
N PHE A 379 -15.23 -22.54 29.54
CA PHE A 379 -16.30 -21.64 30.04
C PHE A 379 -17.44 -21.62 29.04
N PRO A 380 -18.70 -21.87 29.47
CA PRO A 380 -19.78 -22.17 28.55
C PRO A 380 -20.67 -21.00 28.08
N TYR A 381 -20.63 -19.85 28.74
CA TYR A 381 -21.48 -18.68 28.39
C TYR A 381 -20.68 -17.75 27.47
N ARG A 382 -21.29 -16.64 27.07
CA ARG A 382 -20.69 -15.66 26.12
C ARG A 382 -20.69 -14.27 26.77
N LEU A 383 -19.89 -13.35 26.24
CA LEU A 383 -19.81 -11.96 26.75
C LEU A 383 -20.44 -11.02 25.74
N ARG A 384 -21.16 -10.01 26.22
CA ARG A 384 -21.78 -8.97 25.37
C ARG A 384 -21.67 -7.60 26.06
N GLN A 385 -20.90 -6.69 25.48
CA GLN A 385 -20.75 -5.29 25.96
C GLN A 385 -22.00 -4.52 25.53
N GLN A 386 -22.64 -3.82 26.47
CA GLN A 386 -23.86 -3.05 26.12
C GLN A 386 -23.44 -1.82 25.32
N ALA A 387 -24.40 -1.28 24.57
CA ALA A 387 -24.27 -0.07 23.73
C ALA A 387 -23.82 1.10 24.61
N GLY A 388 -23.03 1.99 24.05
CA GLY A 388 -22.58 3.20 24.78
C GLY A 388 -21.32 3.80 24.19
N VAL A 389 -21.06 5.04 24.59
CA VAL A 389 -19.81 5.78 24.23
C VAL A 389 -18.59 4.95 24.64
N GLN A 390 -18.66 4.17 25.73
CA GLN A 390 -17.44 3.48 26.22
C GLN A 390 -17.39 2.06 25.67
N ASN A 391 -18.35 1.67 24.83
CA ASN A 391 -18.29 0.41 24.05
C ASN A 391 -17.03 0.37 23.19
N ALA A 392 -16.40 -0.81 23.05
CA ALA A 392 -15.18 -1.03 22.22
C ALA A 392 -15.40 -0.59 20.77
N LEU A 393 -16.65 -0.67 20.28
CA LEU A 393 -17.05 -0.26 18.90
C LEU A 393 -17.60 1.17 18.89
N GLY A 394 -17.56 1.88 20.01
CA GLY A 394 -18.16 3.22 20.13
C GLY A 394 -19.58 3.24 19.61
N THR A 395 -19.96 4.30 18.91
CA THR A 395 -21.37 4.61 18.59
C THR A 395 -21.77 4.05 17.21
N TYR A 396 -20.83 3.50 16.43
CA TYR A 396 -21.02 3.20 14.99
C TYR A 396 -20.19 1.99 14.57
N LYS A 397 -20.86 0.93 14.08
CA LYS A 397 -20.23 -0.25 13.41
C LYS A 397 -20.49 -0.16 11.91
N PHE A 398 -19.44 -0.29 11.09
CA PHE A 398 -19.50 -0.21 9.61
C PHE A 398 -19.30 -1.61 9.02
N ASN A 399 -20.41 -2.26 8.66
CA ASN A 399 -20.44 -3.73 8.40
C ASN A 399 -19.98 -4.00 6.96
N THR A 400 -18.78 -4.60 6.87
CA THR A 400 -18.05 -4.95 5.63
C THR A 400 -17.84 -6.45 5.56
N PRO A 401 -18.92 -7.27 5.45
CA PRO A 401 -18.83 -8.70 5.70
C PRO A 401 -17.79 -9.32 4.74
N ASN A 402 -16.95 -10.18 5.29
CA ASN A 402 -15.88 -10.86 4.53
C ASN A 402 -15.32 -12.01 5.38
N SER A 403 -14.73 -13.00 4.71
CA SER A 403 -14.20 -14.26 5.27
C SER A 403 -13.22 -14.02 6.43
N ARG A 404 -12.67 -12.80 6.58
CA ARG A 404 -11.58 -12.54 7.58
C ARG A 404 -12.15 -11.77 8.79
N ALA A 405 -13.41 -11.35 8.75
CA ALA A 405 -14.17 -10.79 9.90
C ALA A 405 -13.65 -9.39 10.26
N ILE A 406 -13.10 -8.68 9.27
CA ILE A 406 -12.56 -7.29 9.38
C ILE A 406 -13.67 -6.30 9.03
N TYR A 407 -13.92 -5.34 9.91
CA TYR A 407 -14.88 -4.24 9.65
C TYR A 407 -14.33 -2.93 10.24
N LEU A 408 -15.02 -1.84 9.92
CA LEU A 408 -14.71 -0.48 10.38
C LEU A 408 -15.64 -0.16 11.55
N HIS A 409 -15.17 0.59 12.56
CA HIS A 409 -15.99 0.96 13.74
C HIS A 409 -15.39 2.18 14.47
N ASP A 410 -16.25 2.89 15.19
CA ASP A 410 -15.87 3.96 16.16
C ASP A 410 -15.05 3.31 17.28
N THR A 411 -14.26 4.10 18.00
CA THR A 411 -13.52 3.66 19.22
C THR A 411 -13.80 4.63 20.35
N PRO A 412 -13.78 4.17 21.61
CA PRO A 412 -13.74 5.06 22.77
C PRO A 412 -12.32 5.62 23.01
N SER A 413 -11.27 4.87 22.64
CA SER A 413 -9.86 5.26 22.81
C SER A 413 -9.43 6.24 21.70
N LYS A 414 -10.15 7.36 21.56
CA LYS A 414 -9.89 8.42 20.55
C LYS A 414 -8.49 9.06 20.72
N HIS A 415 -7.84 8.89 21.87
CA HIS A 415 -6.50 9.49 22.14
C HIS A 415 -5.45 8.77 21.30
N LEU A 416 -5.70 7.53 20.88
CA LEU A 416 -4.73 6.69 20.11
C LEU A 416 -4.47 7.28 18.72
N PHE A 417 -5.35 8.16 18.22
CA PHE A 417 -5.17 8.88 16.93
C PHE A 417 -4.04 9.92 17.03
N ASN A 418 -3.64 10.32 18.25
CA ASN A 418 -2.55 11.29 18.45
C ASN A 418 -1.21 10.70 18.02
N ASN A 419 -1.06 9.39 17.96
CA ASN A 419 0.22 8.78 17.52
C ASN A 419 0.39 8.93 16.01
N ALA A 420 1.65 9.04 15.58
CA ALA A 420 2.11 8.96 14.18
C ALA A 420 1.83 7.57 13.62
N SER A 421 2.11 6.52 14.41
CA SER A 421 2.07 5.09 14.00
C SER A 421 0.95 4.34 14.75
N ARG A 422 -0.08 3.91 14.02
CA ARG A 422 -1.41 3.59 14.59
C ARG A 422 -1.77 2.12 14.36
N ALA A 423 -0.80 1.20 14.54
CA ALA A 423 -1.02 -0.26 14.40
C ALA A 423 -1.27 -0.87 15.78
N PHE A 424 -2.51 -0.74 16.26
CA PHE A 424 -2.91 -1.12 17.64
C PHE A 424 -4.05 -2.15 17.65
N SER A 425 -4.78 -2.35 16.56
CA SER A 425 -6.06 -3.11 16.57
C SER A 425 -5.77 -4.59 16.34
N SER A 426 -6.83 -5.41 16.43
CA SER A 426 -6.77 -6.88 16.19
C SER A 426 -7.01 -7.16 14.69
N GLY A 427 -6.87 -6.14 13.84
CA GLY A 427 -7.04 -6.25 12.38
C GLY A 427 -8.08 -5.28 11.85
N CYS A 428 -9.16 -5.06 12.63
CA CYS A 428 -10.21 -4.12 12.26
C CYS A 428 -9.65 -2.70 12.19
N ILE A 429 -10.50 -1.82 11.66
CA ILE A 429 -10.10 -0.46 11.37
C ILE A 429 -10.96 0.50 12.21
N ARG A 430 -10.32 1.13 13.18
CA ARG A 430 -10.96 2.14 14.05
C ARG A 430 -10.85 3.47 13.31
N VAL A 431 -11.96 4.20 13.27
CA VAL A 431 -12.16 5.42 12.44
C VAL A 431 -12.35 6.63 13.34
N GLU A 432 -11.41 7.59 13.31
CA GLU A 432 -11.64 8.94 13.89
C GLU A 432 -12.77 9.61 13.10
N ASN A 433 -13.61 10.39 13.78
CA ASN A 433 -14.76 11.08 13.13
C ASN A 433 -15.65 10.04 12.45
N ALA A 434 -15.96 8.96 13.15
CA ALA A 434 -17.00 7.98 12.77
C ALA A 434 -18.35 8.68 12.63
N GLU A 435 -18.63 9.68 13.48
CA GLU A 435 -19.95 10.37 13.51
C GLU A 435 -20.16 11.05 12.15
N LYS A 436 -19.17 11.81 11.69
CA LYS A 436 -19.25 12.51 10.37
C LYS A 436 -19.35 11.47 9.24
N PHE A 437 -18.57 10.39 9.33
CA PHE A 437 -18.54 9.26 8.35
C PHE A 437 -19.95 8.69 8.20
N ALA A 438 -20.60 8.39 9.32
CA ALA A 438 -22.00 7.93 9.37
C ALA A 438 -22.91 8.94 8.65
N GLN A 439 -22.79 10.23 8.97
CA GLN A 439 -23.66 11.32 8.45
C GLN A 439 -23.54 11.41 6.93
N THR A 440 -22.32 11.36 6.38
CA THR A 440 -22.08 11.55 4.93
C THR A 440 -22.58 10.34 4.16
N LEU A 441 -22.44 9.15 4.75
CA LEU A 441 -22.93 7.87 4.16
C LEU A 441 -24.45 8.00 3.95
N LEU A 442 -25.17 8.32 5.03
CA LEU A 442 -26.65 8.38 5.07
C LEU A 442 -27.15 9.52 4.15
N ALA A 443 -26.53 10.70 4.20
CA ALA A 443 -26.81 11.80 3.25
C ALA A 443 -26.81 11.26 1.82
N ASN A 444 -25.72 10.58 1.44
CA ASN A 444 -25.43 10.20 0.03
C ASN A 444 -26.17 8.91 -0.35
N GLN A 445 -26.81 8.23 0.61
CA GLN A 445 -27.70 7.06 0.35
C GLN A 445 -29.14 7.54 0.14
N GLY A 446 -29.42 8.81 0.45
CA GLY A 446 -30.78 9.38 0.47
C GLY A 446 -31.57 8.89 1.68
N ILE A 447 -30.88 8.54 2.78
CA ILE A 447 -31.49 8.08 4.08
C ILE A 447 -31.43 9.24 5.08
N THR A 448 -32.58 9.59 5.66
CA THR A 448 -32.73 10.60 6.73
C THR A 448 -33.22 9.90 8.01
N LEU A 449 -32.96 10.49 9.18
CA LEU A 449 -33.38 9.97 10.51
C LEU A 449 -34.06 11.09 11.30
N ASP A 450 -35.35 10.91 11.62
CA ASP A 450 -36.23 11.95 12.24
C ASP A 450 -35.59 12.45 13.55
N ASP A 451 -34.93 11.58 14.32
CA ASP A 451 -34.08 11.96 15.48
C ASP A 451 -33.11 10.79 15.80
N PHE A 452 -31.99 11.11 16.44
CA PHE A 452 -30.89 10.15 16.78
C PHE A 452 -31.47 9.03 17.64
N PRO A 453 -31.27 7.75 17.26
CA PRO A 453 -31.91 6.62 17.93
C PRO A 453 -31.52 6.46 19.41
N VAL A 454 -32.49 6.05 20.23
CA VAL A 454 -32.31 5.69 21.67
C VAL A 454 -31.26 4.56 21.75
N SER A 455 -31.48 3.47 21.02
CA SER A 455 -30.81 2.17 21.22
C SER A 455 -30.15 1.73 19.90
N THR A 456 -29.80 0.43 19.82
CA THR A 456 -29.18 -0.24 18.65
C THR A 456 -30.11 -0.11 17.43
N GLN A 457 -29.61 0.44 16.32
CA GLN A 457 -30.35 0.54 15.04
C GLN A 457 -29.46 0.02 13.90
N ALA A 458 -29.87 -1.09 13.28
CA ALA A 458 -29.31 -1.57 12.00
C ALA A 458 -29.86 -0.71 10.86
N ILE A 459 -29.00 -0.33 9.91
CA ILE A 459 -29.38 0.39 8.66
C ILE A 459 -28.58 -0.17 7.48
N ALA A 460 -29.27 -0.90 6.61
CA ALA A 460 -28.80 -1.40 5.31
C ALA A 460 -28.64 -0.25 4.33
N LEU A 461 -27.57 -0.27 3.55
CA LEU A 461 -27.31 0.73 2.49
C LEU A 461 -28.18 0.39 1.28
N LYS A 462 -28.88 1.39 0.73
CA LYS A 462 -29.53 1.33 -0.62
C LYS A 462 -28.47 0.88 -1.62
N LYS A 463 -27.36 1.61 -1.71
CA LYS A 463 -26.28 1.36 -2.68
C LYS A 463 -25.00 1.04 -1.91
N ARG A 464 -24.58 -0.22 -1.96
CA ARG A 464 -23.39 -0.74 -1.24
C ARG A 464 -22.16 -0.10 -1.89
N ILE A 465 -21.17 0.26 -1.08
CA ILE A 465 -19.94 0.96 -1.57
C ILE A 465 -18.78 -0.02 -1.49
N PRO A 466 -17.93 -0.10 -2.52
CA PRO A 466 -16.72 -0.91 -2.43
C PRO A 466 -15.76 -0.30 -1.41
N VAL A 467 -15.18 -1.15 -0.57
CA VAL A 467 -14.10 -0.80 0.39
C VAL A 467 -12.82 -1.47 -0.12
N HIS A 468 -11.79 -0.70 -0.40
CA HIS A 468 -10.47 -1.24 -0.80
C HIS A 468 -9.50 -0.94 0.33
N ILE A 469 -8.84 -1.97 0.85
CA ILE A 469 -7.79 -1.80 1.89
C ILE A 469 -6.47 -2.08 1.20
N ILE A 470 -5.67 -1.03 1.01
CA ILE A 470 -4.39 -1.10 0.25
C ILE A 470 -3.24 -0.89 1.23
N TYR A 471 -2.02 -1.14 0.72
CA TYR A 471 -0.72 -1.04 1.40
C TYR A 471 0.24 -0.31 0.47
N GLN A 472 0.33 0.99 0.69
CA GLN A 472 0.95 1.95 -0.24
C GLN A 472 1.87 2.85 0.58
N THR A 473 3.17 2.60 0.55
CA THR A 473 4.17 3.34 1.36
C THR A 473 4.61 4.62 0.63
N VAL A 474 4.20 4.82 -0.62
CA VAL A 474 4.41 6.11 -1.33
C VAL A 474 3.16 6.41 -2.17
N TRP A 475 2.71 7.66 -2.16
CA TRP A 475 1.55 8.12 -2.97
C TRP A 475 1.59 9.63 -3.17
N TYR A 476 0.98 10.12 -4.24
CA TYR A 476 0.86 11.57 -4.55
C TYR A 476 -0.45 12.05 -3.96
N GLU A 477 -0.44 13.21 -3.30
CA GLU A 477 -1.64 13.86 -2.71
C GLU A 477 -1.39 15.36 -2.55
N GLU A 478 -2.38 16.17 -2.96
CA GLU A 478 -2.35 17.67 -2.88
C GLU A 478 -0.95 18.18 -3.22
N GLY A 479 -0.44 17.83 -4.39
CA GLY A 479 0.77 18.45 -4.95
C GLY A 479 2.06 17.74 -4.54
N VAL A 480 2.00 16.83 -3.58
CA VAL A 480 3.26 16.36 -2.93
C VAL A 480 3.28 14.85 -2.79
N LEU A 481 4.50 14.32 -2.73
CA LEU A 481 4.80 12.87 -2.63
C LEU A 481 5.00 12.49 -1.16
N HIS A 482 4.12 11.66 -0.61
CA HIS A 482 4.16 11.20 0.80
C HIS A 482 4.88 9.84 0.89
N TYR A 483 5.71 9.68 1.92
CA TYR A 483 6.41 8.42 2.27
C TYR A 483 5.99 8.00 3.69
N ARG A 484 5.98 6.69 3.95
CA ARG A 484 5.55 6.10 5.23
C ARG A 484 6.45 4.90 5.56
N ASP A 485 6.64 4.62 6.86
CA ASP A 485 7.43 3.47 7.33
C ASP A 485 6.70 2.20 6.87
N ASP A 486 7.47 1.13 6.69
CA ASP A 486 6.98 -0.18 6.21
C ASP A 486 6.46 -0.98 7.42
N ILE A 487 5.34 -0.52 7.98
CA ILE A 487 4.73 -1.04 9.24
C ILE A 487 4.74 -2.58 9.25
N TYR A 488 4.38 -3.25 8.16
CA TYR A 488 4.14 -4.72 8.10
C TYR A 488 5.29 -5.44 7.37
N HIS A 489 6.32 -4.73 6.95
CA HIS A 489 7.60 -5.28 6.39
C HIS A 489 7.44 -5.82 4.96
N TYR A 490 6.54 -5.25 4.14
CA TYR A 490 6.30 -5.70 2.75
C TYR A 490 7.18 -4.94 1.74
N ASP A 491 7.79 -3.82 2.15
CA ASP A 491 8.81 -3.08 1.34
C ASP A 491 10.19 -3.72 1.57
N ALA A 492 10.23 -4.95 2.09
CA ALA A 492 11.42 -5.64 2.63
C ALA A 492 12.55 -5.71 1.57
N LEU A 493 12.24 -6.27 0.40
CA LEU A 493 13.24 -6.68 -0.62
C LEU A 493 13.71 -5.46 -1.40
N ALA A 494 12.79 -4.53 -1.70
CA ALA A 494 13.05 -3.23 -2.36
C ALA A 494 14.30 -2.57 -1.75
N LEU A 495 14.35 -2.47 -0.42
CA LEU A 495 15.33 -1.65 0.35
C LEU A 495 16.64 -2.42 0.60
N GLY A 496 16.59 -3.75 0.74
CA GLY A 496 17.78 -4.63 0.87
C GLY A 496 17.63 -5.63 1.99
#